data_5D2A
#
_entry.id   5D2A
#
_cell.length_a   105.107
_cell.length_b   105.107
_cell.length_c   111.092
_cell.angle_alpha   90.000
_cell.angle_beta   90.000
_cell.angle_gamma   120.000
#
_symmetry.space_group_name_H-M   'P 63 2 2'
#
loop_
_entity.id
_entity.type
_entity.pdbx_description
1 polymer 'Fucose-binding lectin'
2 polymer ZDC-ALA-PRO-ALA-LYS-PHE-CYS-ALA-PRO-ALA-PHB-GAL
3 polymer ZDC-ALA-PRO-ALA-LYS-PHE-CYS-ALA-PRO-ALA-PHB-GAL
4 non-polymer 'CALCIUM ION'
5 non-polymer 'P-HYDROXYBENZOIC ACID'
6 non-polymer beta-D-galactopyranose
7 non-polymer '3,7-anhydro-2,8-dideoxy-L-glycero-D-gluco-octonic acid'
8 water water
#
loop_
_entity_poly.entity_id
_entity_poly.type
_entity_poly.pdbx_seq_one_letter_code
_entity_poly.pdbx_strand_id
1 'polypeptide(L)'
;ATQGVFTLPANTRFGVTAFANSSGTQTVNVLVNNETAATFSGQSTNNAVIGTQVLNSGSSGKVQVQVSVNGRPSDLVSAQ
VILTNELNFALVGSEDGTDNDYNDAVVVINWPLG
;
A,B
2 'polypeptide(L)' APAKFC C
3 'polypeptide(L)' APA D,E
#
# COMPACT_ATOMS: atom_id res chain seq x y z
N ALA A 1 20.16 10.95 1.24
CA ALA A 1 19.21 11.66 2.11
C ALA A 1 18.53 10.74 3.09
N THR A 2 17.85 11.33 4.07
CA THR A 2 17.02 10.59 5.01
C THR A 2 15.76 10.07 4.32
N GLN A 3 15.39 8.82 4.59
CA GLN A 3 14.24 8.18 3.96
C GLN A 3 13.34 7.51 5.03
N GLY A 4 12.05 7.37 4.74
CA GLY A 4 11.14 6.70 5.65
C GLY A 4 10.57 7.62 6.74
N VAL A 5 10.80 8.93 6.61
CA VAL A 5 10.35 9.87 7.64
C VAL A 5 9.34 10.84 7.04
N PHE A 6 8.18 10.91 7.67
CA PHE A 6 7.05 11.65 7.13
C PHE A 6 6.42 12.60 8.17
N THR A 7 6.10 13.82 7.76
CA THR A 7 5.32 14.71 8.59
C THR A 7 3.86 14.68 8.18
N LEU A 8 3.03 14.20 9.08
CA LEU A 8 1.60 14.11 8.87
C LEU A 8 1.01 15.31 9.57
N PRO A 9 -0.21 15.70 9.20
CA PRO A 9 -0.90 16.70 10.02
C PRO A 9 -1.12 16.15 11.43
N ALA A 10 -1.07 17.05 12.40
CA ALA A 10 -1.13 16.70 13.82
C ALA A 10 -2.43 16.01 14.20
N ASN A 11 -2.35 15.11 15.17
CA ASN A 11 -3.51 14.40 15.71
C ASN A 11 -4.42 13.78 14.67
N THR A 12 -3.82 13.13 13.68
CA THR A 12 -4.59 12.55 12.61
C THR A 12 -4.41 11.01 12.60
N ARG A 13 -5.51 10.29 12.42
CA ARG A 13 -5.42 8.85 12.26
C ARG A 13 -4.90 8.50 10.89
N PHE A 14 -3.98 7.55 10.81
CA PHE A 14 -3.51 7.01 9.53
C PHE A 14 -3.41 5.48 9.54
N GLY A 15 -3.57 4.86 8.37
CA GLY A 15 -3.38 3.42 8.25
C GLY A 15 -1.94 3.12 7.90
N VAL A 16 -1.38 2.07 8.49
CA VAL A 16 -0.08 1.58 8.03
C VAL A 16 -0.11 0.06 7.81
N THR A 17 0.34 -0.35 6.63
CA THR A 17 0.32 -1.74 6.20
C THR A 17 1.66 -2.13 5.60
N ALA A 18 2.12 -3.34 5.88
CA ALA A 18 3.43 -3.78 5.47
C ALA A 18 3.35 -5.11 4.71
N PHE A 19 4.02 -5.19 3.56
CA PHE A 19 4.01 -6.36 2.68
C PHE A 19 5.40 -6.96 2.59
N ALA A 20 5.48 -8.27 2.37
CA ALA A 20 6.78 -8.93 2.30
C ALA A 20 7.04 -9.57 0.93
N ASN A 21 8.30 -9.49 0.49
CA ASN A 21 8.77 -10.09 -0.77
C ASN A 21 10.24 -10.42 -0.67
N SER A 22 10.57 -11.44 0.13
CA SER A 22 11.94 -11.80 0.46
C SER A 22 11.94 -13.12 1.20
N SER A 23 13.00 -13.91 1.05
CA SER A 23 13.10 -15.13 1.86
C SER A 23 13.61 -14.76 3.27
N GLY A 24 13.90 -13.48 3.50
CA GLY A 24 14.29 -13.01 4.82
C GLY A 24 13.09 -12.51 5.63
N THR A 25 13.04 -12.86 6.92
CA THR A 25 11.95 -12.39 7.77
C THR A 25 12.06 -10.90 7.97
N GLN A 26 11.01 -10.18 7.62
CA GLN A 26 11.03 -8.72 7.73
C GLN A 26 10.51 -8.22 9.09
N THR A 27 11.25 -7.32 9.72
CA THR A 27 10.78 -6.59 10.90
C THR A 27 10.58 -5.12 10.55
N VAL A 28 9.33 -4.67 10.60
CA VAL A 28 9.00 -3.28 10.39
C VAL A 28 8.61 -2.60 11.69
N ASN A 29 9.26 -1.48 12.00
CA ASN A 29 8.86 -0.63 13.13
C ASN A 29 8.29 0.69 12.63
N VAL A 30 7.17 1.09 13.22
CA VAL A 30 6.59 2.40 12.97
C VAL A 30 6.72 3.26 14.21
N LEU A 31 7.36 4.40 14.06
CA LEU A 31 7.58 5.31 15.20
C LEU A 31 6.73 6.55 15.07
N VAL A 32 6.08 6.93 16.16
CA VAL A 32 5.39 8.21 16.23
C VAL A 32 6.06 9.10 17.26
N ASN A 33 6.50 10.29 16.85
CA ASN A 33 7.21 11.25 17.70
C ASN A 33 8.40 10.58 18.39
N ASN A 34 9.15 9.81 17.58
CA ASN A 34 10.34 9.08 18.01
C ASN A 34 10.08 7.89 18.98
N GLU A 35 8.82 7.50 19.17
CA GLU A 35 8.53 6.34 20.02
C GLU A 35 7.94 5.17 19.22
N THR A 36 8.46 3.96 19.42
CA THR A 36 7.99 2.84 18.62
C THR A 36 6.52 2.57 18.91
N ALA A 37 5.66 2.83 17.93
CA ALA A 37 4.22 2.71 18.09
C ALA A 37 3.68 1.36 17.60
N ALA A 38 4.35 0.78 16.62
CA ALA A 38 3.90 -0.48 16.03
C ALA A 38 5.06 -1.29 15.50
N THR A 39 4.92 -2.62 15.50
CA THR A 39 5.96 -3.50 14.99
C THR A 39 5.33 -4.64 14.20
N PHE A 40 5.71 -4.81 12.94
CA PHE A 40 5.22 -5.96 12.20
C PHE A 40 6.35 -6.93 11.95
N SER A 41 6.00 -8.18 11.72
CA SER A 41 7.00 -9.21 11.53
C SER A 41 6.42 -10.33 10.70
N GLY A 42 7.18 -10.78 9.70
CA GLY A 42 6.73 -11.83 8.81
C GLY A 42 7.69 -12.15 7.68
N GLN A 43 7.45 -13.27 7.03
CA GLN A 43 8.24 -13.70 5.90
C GLN A 43 7.29 -14.17 4.82
N SER A 44 7.61 -13.76 3.60
CA SER A 44 6.81 -14.06 2.43
C SER A 44 7.57 -13.64 1.18
N THR A 45 7.39 -14.38 0.08
CA THR A 45 7.88 -13.95 -1.22
C THR A 45 6.70 -13.76 -2.16
N ASN A 46 5.49 -13.69 -1.61
CA ASN A 46 4.30 -13.47 -2.44
C ASN A 46 3.46 -12.26 -2.01
N ASN A 47 4.13 -11.21 -1.48
CA ASN A 47 3.47 -9.96 -1.14
C ASN A 47 2.44 -10.09 -0.02
N ALA A 48 2.66 -11.04 0.88
CA ALA A 48 1.72 -11.23 2.00
C ALA A 48 1.73 -10.02 2.92
N VAL A 49 0.55 -9.58 3.33
CA VAL A 49 0.44 -8.56 4.37
C VAL A 49 0.99 -9.11 5.68
N ILE A 50 2.09 -8.55 6.16
CA ILE A 50 2.68 -9.02 7.42
C ILE A 50 2.26 -8.15 8.62
N GLY A 51 1.47 -7.12 8.37
CA GLY A 51 0.93 -6.32 9.44
C GLY A 51 0.10 -5.15 8.91
N THR A 52 -0.91 -4.77 9.69
CA THR A 52 -1.73 -3.60 9.37
C THR A 52 -2.30 -3.03 10.66
N GLN A 53 -2.29 -1.70 10.76
CA GLN A 53 -2.86 -1.05 11.91
C GLN A 53 -3.13 0.42 11.75
N VAL A 54 -4.03 0.92 12.58
CA VAL A 54 -4.32 2.35 12.62
C VAL A 54 -3.59 2.99 13.76
N LEU A 55 -2.89 4.09 13.47
CA LEU A 55 -2.19 4.86 14.49
C LEU A 55 -2.61 6.33 14.46
N ASN A 56 -2.24 7.08 15.49
CA ASN A 56 -2.51 8.50 15.54
C ASN A 56 -1.17 9.20 15.48
N SER A 57 -1.10 10.24 14.67
CA SER A 57 0.17 10.94 14.43
C SER A 57 0.61 11.81 15.61
N GLY A 58 -0.30 12.04 16.55
CA GLY A 58 0.04 12.76 17.76
C GLY A 58 0.33 14.23 17.51
N SER A 59 0.86 14.91 18.53
CA SER A 59 1.06 16.34 18.47
C SER A 59 2.13 16.78 17.44
N SER A 60 3.21 16.00 17.31
CA SER A 60 4.31 16.38 16.38
C SER A 60 3.99 16.06 14.91
N GLY A 61 3.17 15.05 14.70
CA GLY A 61 2.84 14.60 13.37
C GLY A 61 3.95 13.80 12.73
N LYS A 62 5.04 13.60 13.46
CA LYS A 62 6.21 12.90 12.90
C LYS A 62 6.08 11.35 12.93
N VAL A 63 6.13 10.75 11.75
CA VAL A 63 6.04 9.31 11.65
C VAL A 63 7.30 8.78 10.98
N GLN A 64 7.93 7.78 11.56
CA GLN A 64 9.09 7.18 10.94
C GLN A 64 8.97 5.66 10.76
N VAL A 65 9.29 5.20 9.54
CA VAL A 65 9.28 3.76 9.24
C VAL A 65 10.71 3.23 9.20
N GLN A 66 10.94 2.10 9.86
CA GLN A 66 12.23 1.43 9.87
C GLN A 66 12.05 -0.03 9.52
N VAL A 67 13.01 -0.58 8.79
CA VAL A 67 12.94 -1.96 8.36
C VAL A 67 14.26 -2.63 8.68
N SER A 68 14.17 -3.85 9.21
CA SER A 68 15.36 -4.63 9.49
C SER A 68 15.12 -6.12 9.23
N VAL A 69 16.19 -6.84 8.95
CA VAL A 69 16.09 -8.27 8.74
C VAL A 69 17.08 -8.93 9.66
N ASN A 70 16.57 -9.73 10.59
CA ASN A 70 17.40 -10.39 11.58
C ASN A 70 18.27 -9.36 12.23
N GLY A 71 17.66 -8.23 12.55
CA GLY A 71 18.39 -7.12 13.11
C GLY A 71 19.47 -6.62 12.16
N ARG A 72 19.08 -6.19 10.98
CA ARG A 72 19.99 -5.49 10.08
C ARG A 72 19.12 -4.53 9.31
N PRO A 73 19.34 -3.23 9.49
CA PRO A 73 18.50 -2.25 8.80
C PRO A 73 18.64 -2.38 7.28
N SER A 74 17.50 -2.52 6.61
CA SER A 74 17.42 -2.47 5.17
C SER A 74 17.66 -1.05 4.67
N ASP A 75 18.13 -0.93 3.44
CA ASP A 75 18.26 0.39 2.83
C ASP A 75 16.88 0.85 2.39
N LEU A 76 16.55 2.09 2.66
CA LEU A 76 15.19 2.55 2.40
C LEU A 76 15.06 3.56 1.28
N VAL A 77 13.97 3.46 0.52
CA VAL A 77 13.57 4.51 -0.40
C VAL A 77 12.14 4.89 -0.07
N SER A 78 11.83 6.16 -0.22
CA SER A 78 10.50 6.62 0.13
C SER A 78 10.04 7.83 -0.63
N ALA A 79 8.74 8.02 -0.64
CA ALA A 79 8.17 9.26 -1.12
C ALA A 79 6.76 9.45 -0.56
N GLN A 80 6.25 10.67 -0.65
CA GLN A 80 4.85 10.90 -0.33
C GLN A 80 4.16 11.46 -1.55
N VAL A 81 2.92 11.06 -1.80
CA VAL A 81 2.17 11.50 -2.97
C VAL A 81 0.75 11.82 -2.52
N ILE A 82 0.20 12.92 -3.03
CA ILE A 82 -1.12 13.40 -2.64
C ILE A 82 -2.04 13.51 -3.85
N LEU A 83 -3.24 12.95 -3.76
CA LEU A 83 -4.17 12.94 -4.90
C LEU A 83 -5.35 13.84 -4.59
N THR A 84 -5.83 14.53 -5.62
CA THR A 84 -6.82 15.62 -5.54
C THR A 84 -6.76 16.44 -4.24
N ASN A 85 -5.54 16.80 -3.83
CA ASN A 85 -5.30 17.67 -2.68
C ASN A 85 -5.89 17.14 -1.37
N GLU A 86 -6.15 15.84 -1.30
CA GLU A 86 -6.87 15.28 -0.16
C GLU A 86 -6.35 13.93 0.30
N LEU A 87 -6.20 12.99 -0.63
CA LEU A 87 -5.83 11.62 -0.29
C LEU A 87 -4.31 11.48 -0.24
N ASN A 88 -3.81 11.14 0.93
CA ASN A 88 -2.37 11.01 1.13
C ASN A 88 -1.82 9.57 1.19
N PHE A 89 -0.72 9.35 0.51
CA PHE A 89 0.04 8.10 0.54
C PHE A 89 1.48 8.40 0.96
N ALA A 90 1.97 7.70 1.96
CA ALA A 90 3.40 7.70 2.21
C ALA A 90 3.95 6.32 1.94
N LEU A 91 4.91 6.25 1.04
CA LEU A 91 5.36 4.98 0.47
C LEU A 91 6.79 4.64 0.82
N VAL A 92 7.03 3.42 1.29
CA VAL A 92 8.38 3.00 1.61
C VAL A 92 8.71 1.68 0.92
N GLY A 93 9.90 1.61 0.32
CA GLY A 93 10.45 0.34 -0.08
C GLY A 93 11.75 0.10 0.65
N SER A 94 12.23 -1.14 0.64
CA SER A 94 13.46 -1.49 1.34
C SER A 94 14.23 -2.63 0.68
N GLU A 95 15.53 -2.68 0.93
CA GLU A 95 16.38 -3.70 0.32
C GLU A 95 17.26 -4.37 1.36
N ASP A 96 17.12 -5.68 1.52
CA ASP A 96 17.85 -6.37 2.58
C ASP A 96 19.04 -7.14 2.02
N GLY A 97 19.21 -7.08 0.71
CA GLY A 97 20.18 -7.91 0.01
C GLY A 97 20.95 -7.17 -1.07
N THR A 98 21.22 -7.86 -2.17
CA THR A 98 22.16 -7.39 -3.18
C THR A 98 21.50 -7.16 -4.55
N ASP A 99 20.27 -7.64 -4.71
CA ASP A 99 19.65 -7.67 -6.04
C ASP A 99 18.92 -6.37 -6.36
N ASN A 100 18.78 -5.51 -5.34
CA ASN A 100 18.14 -4.21 -5.48
C ASN A 100 16.78 -4.23 -6.15
N ASP A 101 15.91 -5.13 -5.73
CA ASP A 101 14.54 -4.98 -6.20
C ASP A 101 13.73 -4.07 -5.24
N TYR A 102 14.28 -3.75 -4.07
CA TYR A 102 13.68 -2.79 -3.12
C TYR A 102 12.22 -3.04 -2.73
N ASN A 103 11.80 -4.30 -2.75
CA ASN A 103 10.43 -4.65 -2.42
C ASN A 103 10.35 -5.58 -1.21
N ASP A 104 11.48 -5.77 -0.54
CA ASP A 104 11.65 -6.88 0.37
C ASP A 104 10.69 -6.73 1.55
N ALA A 105 10.54 -5.49 2.02
CA ALA A 105 9.38 -5.06 2.78
C ALA A 105 8.86 -3.78 2.13
N VAL A 106 7.60 -3.79 1.72
CA VAL A 106 6.98 -2.58 1.20
C VAL A 106 6.04 -2.05 2.27
N VAL A 107 6.13 -0.75 2.57
CA VAL A 107 5.27 -0.18 3.61
C VAL A 107 4.45 0.94 3.05
N VAL A 108 3.15 0.84 3.26
CA VAL A 108 2.22 1.86 2.80
C VAL A 108 1.46 2.51 3.97
N ILE A 109 1.57 3.83 4.04
CA ILE A 109 0.84 4.62 4.99
C ILE A 109 -0.20 5.44 4.23
N ASN A 110 -1.45 5.45 4.70
CA ASN A 110 -2.46 6.26 4.04
C ASN A 110 -3.33 7.08 5.02
N TRP A 111 -3.73 8.28 4.61
CA TRP A 111 -4.67 9.11 5.37
C TRP A 111 -5.34 10.11 4.44
N PRO A 112 -6.50 10.64 4.85
CA PRO A 112 -7.24 10.42 6.11
C PRO A 112 -8.02 9.12 6.14
N LEU A 113 -8.48 8.70 7.33
CA LEU A 113 -9.32 7.51 7.42
C LEU A 113 -10.77 7.88 7.68
N GLY A 114 -11.62 6.86 7.81
CA GLY A 114 -13.03 7.08 8.12
C GLY A 114 -13.89 7.40 6.90
N ALA B 1 -9.89 13.38 -16.90
CA ALA B 1 -9.17 12.31 -17.61
C ALA B 1 -9.50 10.95 -17.05
N THR B 2 -9.11 9.92 -17.79
CA THR B 2 -9.28 8.56 -17.35
C THR B 2 -8.39 8.26 -16.15
N GLN B 3 -8.96 7.59 -15.16
CA GLN B 3 -8.28 7.28 -13.91
C GLN B 3 -8.44 5.78 -13.63
N GLY B 4 -7.54 5.23 -12.84
CA GLY B 4 -7.56 3.83 -12.48
C GLY B 4 -7.10 2.87 -13.58
N VAL B 5 -6.46 3.40 -14.64
CA VAL B 5 -5.92 2.55 -15.69
C VAL B 5 -4.39 2.64 -15.77
N PHE B 6 -3.73 1.50 -15.84
CA PHE B 6 -2.28 1.43 -15.66
C PHE B 6 -1.62 0.47 -16.64
N THR B 7 -0.57 0.91 -17.32
CA THR B 7 0.18 -0.03 -18.15
C THR B 7 1.40 -0.58 -17.42
N LEU B 8 1.36 -1.86 -17.14
CA LEU B 8 2.46 -2.55 -16.49
C LEU B 8 3.36 -3.20 -17.54
N PRO B 9 4.60 -3.53 -17.15
CA PRO B 9 5.37 -4.45 -17.99
C PRO B 9 4.62 -5.79 -18.17
N ALA B 10 4.68 -6.31 -19.40
CA ALA B 10 3.92 -7.48 -19.77
C ALA B 10 4.36 -8.70 -18.97
N ASN B 11 3.40 -9.59 -18.68
CA ASN B 11 3.67 -10.88 -18.04
C ASN B 11 4.38 -10.76 -16.71
N THR B 12 3.95 -9.78 -15.93
CA THR B 12 4.60 -9.50 -14.67
C THR B 12 3.58 -9.70 -13.55
N ARG B 13 4.00 -10.37 -12.49
CA ARG B 13 3.13 -10.56 -11.32
C ARG B 13 3.12 -9.26 -10.51
N PHE B 14 1.94 -8.88 -10.03
CA PHE B 14 1.81 -7.67 -9.21
C PHE B 14 0.84 -7.85 -8.08
N GLY B 15 1.07 -7.15 -6.97
CA GLY B 15 0.19 -7.21 -5.81
C GLY B 15 -0.95 -6.25 -5.97
N VAL B 16 -2.13 -6.61 -5.49
CA VAL B 16 -3.21 -5.64 -5.41
C VAL B 16 -3.99 -5.79 -4.13
N THR B 17 -4.13 -4.67 -3.41
CA THR B 17 -4.74 -4.64 -2.11
C THR B 17 -5.73 -3.51 -2.01
N ALA B 18 -6.84 -3.73 -1.33
CA ALA B 18 -7.87 -2.71 -1.20
C ALA B 18 -8.21 -2.41 0.26
N PHE B 19 -8.38 -1.12 0.55
CA PHE B 19 -8.76 -0.68 1.88
C PHE B 19 -10.15 -0.05 1.83
N ALA B 20 -10.83 -0.06 2.96
CA ALA B 20 -12.17 0.51 3.00
C ALA B 20 -12.29 1.53 4.13
N ASN B 21 -12.93 2.67 3.83
CA ASN B 21 -13.11 3.79 4.76
C ASN B 21 -14.41 4.50 4.44
N SER B 22 -15.51 3.76 4.55
CA SER B 22 -16.83 4.26 4.19
C SER B 22 -17.87 3.46 4.97
N SER B 23 -19.08 4.00 5.11
CA SER B 23 -20.13 3.24 5.76
C SER B 23 -20.84 2.39 4.68
N GLY B 24 -20.48 2.64 3.43
CA GLY B 24 -20.97 1.84 2.32
C GLY B 24 -20.08 0.66 1.98
N THR B 25 -20.70 -0.41 1.53
CA THR B 25 -19.97 -1.61 1.13
C THR B 25 -19.23 -1.41 -0.20
N GLN B 26 -17.90 -1.51 -0.14
CA GLN B 26 -17.05 -1.22 -1.29
C GLN B 26 -16.86 -2.44 -2.17
N THR B 27 -17.11 -2.28 -3.47
CA THR B 27 -16.81 -3.31 -4.45
C THR B 27 -15.67 -2.91 -5.39
N VAL B 28 -14.58 -3.68 -5.37
CA VAL B 28 -13.42 -3.38 -6.20
C VAL B 28 -13.16 -4.45 -7.27
N ASN B 29 -13.29 -4.07 -8.52
CA ASN B 29 -12.94 -4.92 -9.67
C ASN B 29 -11.58 -4.57 -10.27
N VAL B 30 -10.77 -5.58 -10.48
CA VAL B 30 -9.51 -5.40 -11.17
C VAL B 30 -9.55 -6.16 -12.49
N LEU B 31 -9.45 -5.43 -13.60
CA LEU B 31 -9.47 -6.06 -14.92
C LEU B 31 -8.07 -6.13 -15.50
N VAL B 32 -7.76 -7.27 -16.09
CA VAL B 32 -6.50 -7.46 -16.78
C VAL B 32 -6.88 -7.76 -18.22
N ASN B 33 -6.28 -7.03 -19.16
CA ASN B 33 -6.69 -7.04 -20.57
C ASN B 33 -8.21 -7.02 -20.75
N ASN B 34 -8.87 -6.06 -20.11
CA ASN B 34 -10.31 -5.84 -20.22
C ASN B 34 -11.17 -7.02 -19.78
N GLU B 35 -10.61 -7.90 -18.95
CA GLU B 35 -11.38 -8.99 -18.39
C GLU B 35 -11.18 -9.02 -16.88
N THR B 36 -12.28 -9.18 -16.13
CA THR B 36 -12.20 -9.27 -14.68
C THR B 36 -11.27 -10.39 -14.25
N ALA B 37 -10.42 -10.10 -13.28
CA ALA B 37 -9.41 -11.04 -12.79
C ALA B 37 -9.43 -11.10 -11.27
N ALA B 38 -10.02 -10.09 -10.64
CA ALA B 38 -10.18 -10.09 -9.21
C ALA B 38 -11.32 -9.19 -8.80
N THR B 39 -11.96 -9.55 -7.70
CA THR B 39 -13.07 -8.78 -7.15
C THR B 39 -13.01 -8.84 -5.64
N PHE B 40 -13.04 -7.68 -5.00
CA PHE B 40 -13.03 -7.61 -3.54
C PHE B 40 -14.29 -6.90 -3.04
N SER B 41 -14.83 -7.34 -1.90
CA SER B 41 -15.95 -6.64 -1.30
C SER B 41 -15.85 -6.59 0.22
N GLY B 42 -16.27 -5.46 0.76
CA GLY B 42 -16.25 -5.25 2.20
C GLY B 42 -16.65 -3.87 2.65
N GLN B 43 -16.96 -3.77 3.93
CA GLN B 43 -17.36 -2.51 4.51
C GLN B 43 -16.50 -2.28 5.74
N SER B 44 -16.02 -1.04 5.87
CA SER B 44 -15.24 -0.62 7.03
C SER B 44 -15.11 0.90 7.07
N THR B 45 -14.92 1.46 8.25
CA THR B 45 -14.62 2.87 8.35
C THR B 45 -13.30 2.95 9.10
N ASN B 46 -12.63 1.81 9.19
CA ASN B 46 -11.37 1.72 9.91
C ASN B 46 -10.18 1.24 9.08
N ASN B 47 -10.25 1.49 7.77
CA ASN B 47 -9.17 1.15 6.85
C ASN B 47 -8.87 -0.32 6.79
N ALA B 48 -9.88 -1.15 7.03
CA ALA B 48 -9.66 -2.58 6.99
C ALA B 48 -9.39 -3.04 5.57
N VAL B 49 -8.45 -3.98 5.44
CA VAL B 49 -8.17 -4.60 4.16
C VAL B 49 -9.34 -5.46 3.74
N ILE B 50 -9.97 -5.17 2.61
CA ILE B 50 -11.10 -5.98 2.17
C ILE B 50 -10.70 -6.96 1.08
N GLY B 51 -9.42 -6.99 0.75
CA GLY B 51 -8.97 -7.93 -0.26
C GLY B 51 -7.50 -7.70 -0.56
N THR B 52 -6.81 -8.79 -0.87
CA THR B 52 -5.43 -8.69 -1.29
C THR B 52 -5.11 -9.95 -2.07
N GLN B 53 -4.41 -9.78 -3.18
CA GLN B 53 -4.24 -10.86 -4.14
C GLN B 53 -3.06 -10.53 -5.08
N VAL B 54 -2.50 -11.57 -5.68
CA VAL B 54 -1.47 -11.37 -6.69
C VAL B 54 -2.05 -11.71 -8.04
N LEU B 55 -1.75 -10.89 -9.05
CA LEU B 55 -2.22 -11.15 -10.42
C LEU B 55 -1.09 -11.07 -11.44
N ASN B 56 -1.37 -11.53 -12.66
CA ASN B 56 -0.42 -11.40 -13.76
C ASN B 56 -0.92 -10.37 -14.78
N SER B 57 -0.01 -9.52 -15.27
CA SER B 57 -0.41 -8.45 -16.19
C SER B 57 -0.66 -8.93 -17.61
N GLY B 58 -0.31 -10.19 -17.89
CA GLY B 58 -0.63 -10.81 -19.15
C GLY B 58 0.17 -10.14 -20.25
N SER B 59 -0.15 -10.48 -21.50
CA SER B 59 0.62 -10.00 -22.65
C SER B 59 0.47 -8.50 -22.92
N SER B 60 -0.70 -7.92 -22.66
CA SER B 60 -0.93 -6.48 -22.86
C SER B 60 -0.35 -5.59 -21.74
N GLY B 61 -0.42 -6.09 -20.51
CA GLY B 61 0.07 -5.31 -19.38
C GLY B 61 -0.94 -4.27 -18.93
N LYS B 62 -2.11 -4.23 -19.55
CA LYS B 62 -3.16 -3.30 -19.18
C LYS B 62 -3.95 -3.76 -17.93
N VAL B 63 -3.95 -2.90 -16.91
CA VAL B 63 -4.66 -3.18 -15.67
C VAL B 63 -5.64 -2.06 -15.38
N GLN B 64 -6.89 -2.38 -15.09
CA GLN B 64 -7.87 -1.36 -14.78
C GLN B 64 -8.53 -1.65 -13.46
N VAL B 65 -8.62 -0.62 -12.60
CA VAL B 65 -9.31 -0.74 -11.34
C VAL B 65 -10.64 -0.02 -11.42
N GLN B 66 -11.70 -0.68 -10.98
CA GLN B 66 -13.00 -0.06 -10.87
C GLN B 66 -13.51 -0.19 -9.45
N VAL B 67 -14.27 0.80 -9.00
CA VAL B 67 -14.91 0.76 -7.68
C VAL B 67 -16.38 1.09 -7.82
N SER B 68 -17.22 0.26 -7.22
CA SER B 68 -18.66 0.49 -7.14
C SER B 68 -19.11 0.42 -5.68
N VAL B 69 -20.17 1.15 -5.39
CA VAL B 69 -20.85 0.96 -4.12
C VAL B 69 -22.30 0.64 -4.44
N ASN B 70 -22.70 -0.59 -4.11
CA ASN B 70 -24.03 -1.08 -4.41
C ASN B 70 -24.40 -0.83 -5.89
N GLY B 71 -23.51 -1.20 -6.81
CA GLY B 71 -23.77 -0.97 -8.21
C GLY B 71 -23.43 0.42 -8.75
N ARG B 72 -23.15 1.38 -7.86
CA ARG B 72 -22.87 2.75 -8.27
C ARG B 72 -21.37 3.04 -8.43
N PRO B 73 -20.92 3.34 -9.67
CA PRO B 73 -19.51 3.70 -9.92
C PRO B 73 -19.02 4.84 -9.06
N SER B 74 -17.90 4.66 -8.36
CA SER B 74 -17.30 5.73 -7.58
C SER B 74 -16.36 6.58 -8.44
N ASP B 75 -16.24 7.86 -8.11
CA ASP B 75 -15.30 8.74 -8.84
C ASP B 75 -13.89 8.38 -8.44
N LEU B 76 -13.01 8.16 -9.42
CA LEU B 76 -11.67 7.72 -9.10
C LEU B 76 -10.61 8.82 -9.27
N VAL B 77 -9.58 8.77 -8.43
CA VAL B 77 -8.34 9.50 -8.70
C VAL B 77 -7.20 8.49 -8.71
N SER B 78 -6.21 8.70 -9.57
CA SER B 78 -5.08 7.79 -9.57
C SER B 78 -3.78 8.40 -9.98
N ALA B 79 -2.72 7.69 -9.65
CA ALA B 79 -1.39 8.05 -10.10
C ALA B 79 -0.48 6.83 -9.96
N GLN B 80 0.61 6.84 -10.70
CA GLN B 80 1.67 5.85 -10.54
C GLN B 80 2.93 6.56 -10.08
N VAL B 81 3.68 5.91 -9.21
CA VAL B 81 4.94 6.47 -8.76
C VAL B 81 5.97 5.36 -8.70
N ILE B 82 7.17 5.69 -9.18
CA ILE B 82 8.29 4.78 -9.26
C ILE B 82 9.42 5.28 -8.40
N LEU B 83 9.94 4.38 -7.56
CA LEU B 83 11.01 4.70 -6.63
C LEU B 83 12.31 3.99 -7.03
N THR B 84 13.42 4.69 -6.87
CA THR B 84 14.75 4.30 -7.38
C THR B 84 14.70 3.49 -8.70
N ASN B 85 13.82 3.91 -9.59
CA ASN B 85 13.72 3.39 -10.95
C ASN B 85 13.44 1.91 -10.98
N GLU B 86 12.84 1.40 -9.89
CA GLU B 86 12.65 -0.04 -9.74
C GLU B 86 11.34 -0.43 -9.03
N LEU B 87 11.03 0.21 -7.91
CA LEU B 87 9.85 -0.16 -7.13
C LEU B 87 8.64 0.64 -7.61
N ASN B 88 7.63 -0.06 -8.09
CA ASN B 88 6.45 0.60 -8.66
C ASN B 88 5.20 0.59 -7.75
N PHE B 89 4.52 1.72 -7.70
CA PHE B 89 3.21 1.83 -7.07
C PHE B 89 2.19 2.38 -8.03
N ALA B 90 1.06 1.72 -8.13
CA ALA B 90 -0.12 2.26 -8.79
C ALA B 90 -1.20 2.45 -7.76
N LEU B 91 -1.63 3.71 -7.60
CA LEU B 91 -2.47 4.15 -6.49
C LEU B 91 -3.84 4.63 -6.96
N VAL B 92 -4.89 4.21 -6.25
CA VAL B 92 -6.25 4.65 -6.57
C VAL B 92 -7.03 5.03 -5.32
N GLY B 93 -7.63 6.22 -5.32
CA GLY B 93 -8.64 6.52 -4.31
C GLY B 93 -9.96 6.70 -5.01
N SER B 94 -11.06 6.68 -4.26
CA SER B 94 -12.39 6.74 -4.85
C SER B 94 -13.37 7.44 -3.93
N GLU B 95 -14.39 8.07 -4.51
CA GLU B 95 -15.40 8.76 -3.71
C GLU B 95 -16.79 8.25 -4.07
N ASP B 96 -17.52 7.81 -3.04
CA ASP B 96 -18.85 7.24 -3.21
C ASP B 96 -19.94 8.22 -2.79
N GLY B 97 -19.52 9.36 -2.26
CA GLY B 97 -20.47 10.28 -1.65
C GLY B 97 -20.19 11.74 -1.95
N THR B 98 -20.23 12.54 -0.90
CA THR B 98 -20.20 13.99 -1.07
C THR B 98 -19.13 14.68 -0.26
N ASP B 99 -18.52 13.99 0.70
CA ASP B 99 -17.53 14.68 1.53
C ASP B 99 -16.16 14.80 0.83
N ASN B 100 -16.02 14.14 -0.32
CA ASN B 100 -14.77 14.16 -1.08
C ASN B 100 -13.50 13.82 -0.31
N ASP B 101 -13.53 12.82 0.58
CA ASP B 101 -12.27 12.47 1.24
C ASP B 101 -11.50 11.52 0.34
N TYR B 102 -12.18 11.02 -0.69
CA TYR B 102 -11.64 10.09 -1.67
C TYR B 102 -10.87 8.91 -1.09
N ASN B 103 -11.27 8.43 0.09
CA ASN B 103 -10.65 7.24 0.67
C ASN B 103 -11.63 6.07 0.84
N ASP B 104 -12.74 6.13 0.14
CA ASP B 104 -13.87 5.27 0.48
C ASP B 104 -13.49 3.83 0.18
N ALA B 105 -12.83 3.66 -0.97
CA ALA B 105 -12.02 2.51 -1.26
C ALA B 105 -10.66 3.00 -1.74
N VAL B 106 -9.61 2.60 -1.03
CA VAL B 106 -8.24 2.85 -1.45
C VAL B 106 -7.61 1.57 -1.99
N VAL B 107 -7.12 1.61 -3.22
CA VAL B 107 -6.51 0.47 -3.86
C VAL B 107 -5.04 0.74 -4.14
N VAL B 108 -4.19 -0.21 -3.77
CA VAL B 108 -2.76 -0.09 -4.02
C VAL B 108 -2.25 -1.30 -4.79
N ILE B 109 -1.61 -1.01 -5.91
CA ILE B 109 -0.96 -2.02 -6.73
C ILE B 109 0.54 -1.83 -6.64
N ASN B 110 1.27 -2.90 -6.35
CA ASN B 110 2.72 -2.82 -6.34
C ASN B 110 3.43 -3.94 -7.11
N TRP B 111 4.56 -3.58 -7.68
CA TRP B 111 5.40 -4.53 -8.41
C TRP B 111 6.81 -3.94 -8.50
N PRO B 112 7.83 -4.77 -8.75
CA PRO B 112 7.78 -6.23 -8.93
C PRO B 112 7.52 -6.92 -7.60
N LEU B 113 7.17 -8.21 -7.65
CA LEU B 113 7.04 -9.03 -6.45
C LEU B 113 8.22 -9.99 -6.30
N GLY B 114 8.19 -10.83 -5.26
CA GLY B 114 9.21 -11.86 -5.12
C GLY B 114 10.48 -11.36 -4.43
N ALA C 1 17.24 -25.93 11.51
CA ALA C 1 16.44 -24.76 11.25
C ALA C 1 17.36 -23.63 11.73
N PRO C 2 18.38 -23.16 10.81
CA PRO C 2 19.37 -22.12 11.06
C PRO C 2 18.71 -20.81 11.45
N ALA C 3 18.92 -20.25 12.79
CA ALA C 3 18.33 -19.00 13.16
C ALA C 3 19.47 -18.00 13.26
N LYS C 4 19.34 -16.63 12.75
CA LYS C 4 20.49 -15.79 12.88
C LYS C 4 20.10 -14.36 13.22
N PHE C 5 21.16 -13.48 13.69
CA PHE C 5 20.85 -12.13 14.00
C PHE C 5 22.00 -11.30 13.42
N CYS C 6 21.73 -9.97 12.86
CA CYS C 6 22.77 -9.13 12.30
C CYS C 6 23.55 -9.83 11.18
N ALA D 1 -22.60 7.29 4.20
CA ALA D 1 -23.87 6.95 4.75
C ALA D 1 -24.63 6.71 3.46
N PRO D 2 -25.12 5.38 3.17
CA PRO D 2 -25.81 4.99 1.97
C PRO D 2 -27.08 5.80 1.79
N ALA D 3 -27.86 5.53 0.58
CA ALA D 3 -29.08 6.24 0.34
C ALA D 3 -30.22 5.22 0.32
N ALA E 1 18.25 -14.59 -0.32
CA ALA E 1 18.47 -15.58 0.69
C ALA E 1 19.22 -14.84 1.80
N PRO E 2 18.76 -14.95 3.16
CA PRO E 2 19.38 -14.28 4.27
C PRO E 2 20.73 -14.90 4.56
N ALA E 3 21.78 -14.05 5.13
CA ALA E 3 23.06 -14.65 5.42
C ALA E 3 22.95 -15.12 6.86
#